data_3HA3
#
_entry.id   3HA3
#
_cell.length_a   57.344
_cell.length_b   57.344
_cell.length_c   203.978
_cell.angle_alpha   90.00
_cell.angle_beta   90.00
_cell.angle_gamma   120.00
#
_symmetry.space_group_name_H-M   'P 31 2 1'
#
loop_
_entity.id
_entity.type
_entity.pdbx_description
1 polymer 'METHOXY MYCOLIC ACID SYNTHASE 4'
2 non-polymer S-ADENOSYL-L-HOMOCYSTEINE
3 water water
#
_entity_poly.entity_id   1
_entity_poly.type   'polypeptide(L)'
_entity_poly.pdbx_seq_one_letter_code
;MGSSHYHHHHSSGLVPRGSHMAEKPISPTKTRTRFEDIQAHYDVSDDFFALFQDPTRTYSCAYFEPPELTLEEAQYAKVD
LNLDKLDLKPGMTLLDIGCGWGTTMRRAVERFDVNVIGLTLSKNQHARCEQVLASIDTNRSRQVLLQGWEDFAEPVDRIV
SIEAFEHFGHENYDDFFKRCFNIMPADGRMTVQSSVSYHPYEMAARGKKLSFETARFIKFIVTEIFPGGRLPSTEMMVEH
GEKAGFTVPEPLSLRPHYIKTLRIWGDTLQSNKDKAIEVTSEEVYNRYMKYLRGCEHYFTDEMLDCSLVTYLKPGAAA
;
_entity_poly.pdbx_strand_id   A
#
# COMPACT_ATOMS: atom_id res chain seq x y z
N ILE A 38 13.17 -20.88 -2.11
CA ILE A 38 13.82 -20.21 -3.27
C ILE A 38 12.99 -19.05 -3.82
N GLN A 39 12.15 -18.46 -2.95
CA GLN A 39 11.32 -17.30 -3.30
C GLN A 39 12.15 -16.02 -3.43
N ALA A 40 13.41 -16.11 -2.97
CA ALA A 40 14.32 -14.97 -2.84
C ALA A 40 15.11 -14.71 -4.11
N HIS A 41 14.83 -15.50 -5.15
CA HIS A 41 15.38 -15.25 -6.49
C HIS A 41 14.91 -13.89 -7.01
N TYR A 42 13.66 -13.55 -6.67
CA TYR A 42 13.01 -12.34 -7.16
C TYR A 42 13.21 -11.12 -6.27
N ASP A 43 13.97 -11.29 -5.20
CA ASP A 43 14.37 -10.17 -4.30
C ASP A 43 15.24 -9.15 -4.99
N VAL A 44 14.82 -7.89 -4.93
CA VAL A 44 15.58 -6.81 -5.49
C VAL A 44 16.04 -5.85 -4.37
N SER A 45 17.20 -5.24 -4.56
CA SER A 45 17.82 -4.39 -3.55
C SER A 45 17.25 -2.98 -3.55
N ASP A 46 17.29 -2.35 -2.38
CA ASP A 46 16.77 -1.01 -2.16
C ASP A 46 17.30 -0.02 -3.22
N ASP A 47 18.56 -0.24 -3.59
CA ASP A 47 19.24 0.51 -4.63
C ASP A 47 18.43 0.59 -5.93
N PHE A 48 17.85 -0.52 -6.36
CA PHE A 48 17.10 -0.54 -7.60
C PHE A 48 15.87 0.36 -7.49
N PHE A 49 15.12 0.19 -6.41
CA PHE A 49 13.90 0.96 -6.18
C PHE A 49 14.12 2.47 -6.15
N ALA A 50 15.27 2.88 -5.61
CA ALA A 50 15.72 4.29 -5.64
C ALA A 50 15.89 4.90 -7.03
N LEU A 51 15.94 4.02 -8.04
CA LEU A 51 16.12 4.45 -9.41
C LEU A 51 14.81 4.56 -10.20
N PHE A 52 13.66 4.42 -9.52
CA PHE A 52 12.35 4.82 -10.08
C PHE A 52 11.41 5.61 -9.14
N GLN A 53 11.52 5.37 -7.83
CA GLN A 53 10.64 5.99 -6.84
C GLN A 53 11.07 7.40 -6.49
N ASP A 54 10.17 8.17 -5.90
CA ASP A 54 10.52 9.52 -5.46
C ASP A 54 11.44 9.43 -4.22
N PRO A 55 11.95 10.59 -3.71
CA PRO A 55 12.83 10.59 -2.54
C PRO A 55 12.30 9.92 -1.28
N THR A 56 10.97 9.94 -1.10
CA THR A 56 10.38 9.30 0.08
C THR A 56 10.35 7.77 -0.05
N ARG A 57 10.61 7.24 -1.22
CA ARG A 57 10.74 5.81 -1.35
C ARG A 57 9.36 5.16 -1.08
N THR A 58 8.31 5.89 -1.43
CA THR A 58 6.98 5.38 -1.36
C THR A 58 6.70 4.40 -2.54
N TYR A 59 6.24 3.21 -2.21
CA TYR A 59 6.02 2.21 -3.25
C TYR A 59 4.52 1.93 -3.28
N SER A 60 3.75 2.98 -3.61
CA SER A 60 2.31 2.88 -3.67
C SER A 60 1.74 4.04 -4.44
N CYS A 61 0.49 3.91 -4.88
CA CYS A 61 -0.20 4.98 -5.62
C CYS A 61 -0.09 6.35 -4.99
N ALA A 62 0.33 7.32 -5.81
CA ALA A 62 0.36 8.72 -5.33
C ALA A 62 -1.01 9.37 -5.54
N TYR A 63 -1.22 10.53 -4.96
CA TYR A 63 -2.48 11.27 -5.14
C TYR A 63 -2.19 12.65 -5.71
N PHE A 64 -2.30 12.80 -7.02
CA PHE A 64 -2.08 14.09 -7.70
C PHE A 64 -3.28 15.00 -7.57
N GLU A 65 -3.41 15.64 -6.42
CA GLU A 65 -4.49 16.56 -6.16
C GLU A 65 -3.93 17.70 -5.27
N PRO A 66 -3.61 18.87 -5.86
CA PRO A 66 -3.80 19.33 -7.23
C PRO A 66 -3.07 18.48 -8.25
N PRO A 67 -3.62 18.36 -9.47
CA PRO A 67 -3.03 17.57 -10.54
C PRO A 67 -1.58 17.93 -10.90
N GLU A 68 -1.17 19.14 -10.53
CA GLU A 68 0.16 19.67 -10.89
C GLU A 68 1.23 19.36 -9.84
N LEU A 69 0.90 18.47 -8.88
CA LEU A 69 1.85 18.08 -7.85
C LEU A 69 2.96 17.26 -8.48
N THR A 70 4.18 17.44 -8.01
CA THR A 70 5.20 16.45 -8.35
C THR A 70 4.79 15.08 -7.74
N LEU A 71 5.47 14.02 -8.16
CA LEU A 71 5.29 12.70 -7.58
C LEU A 71 5.51 12.75 -6.09
N GLU A 72 6.62 13.35 -5.68
CA GLU A 72 6.93 13.45 -4.27
C GLU A 72 5.85 14.20 -3.52
N GLU A 73 5.45 15.34 -4.04
CA GLU A 73 4.34 16.09 -3.41
C GLU A 73 3.13 15.21 -3.33
N ALA A 74 2.90 14.46 -4.40
CA ALA A 74 1.71 13.68 -4.59
C ALA A 74 1.69 12.45 -3.61
N GLN A 75 2.86 11.98 -3.22
CA GLN A 75 2.96 10.93 -2.25
C GLN A 75 2.59 11.42 -0.84
N TYR A 76 3.06 12.61 -0.44
CA TYR A 76 2.59 13.29 0.80
C TYR A 76 1.09 13.47 0.80
N ALA A 77 0.57 13.96 -0.33
CA ALA A 77 -0.88 14.09 -0.53
C ALA A 77 -1.66 12.75 -0.33
N LYS A 78 -1.17 11.64 -0.89
CA LYS A 78 -1.78 10.31 -0.64
C LYS A 78 -1.74 9.92 0.86
N VAL A 79 -0.62 10.19 1.50
CA VAL A 79 -0.49 9.97 2.94
C VAL A 79 -1.54 10.74 3.74
N ASP A 80 -1.63 12.05 3.50
CA ASP A 80 -2.70 12.87 4.07
C ASP A 80 -4.10 12.39 3.76
N LEU A 81 -4.36 12.10 2.50
CA LEU A 81 -5.64 11.51 2.14
C LEU A 81 -6.05 10.37 3.07
N ASN A 82 -5.10 9.51 3.41
CA ASN A 82 -5.37 8.33 4.20
C ASN A 82 -5.58 8.73 5.62
N LEU A 83 -4.65 9.51 6.13
CA LEU A 83 -4.66 9.83 7.55
C LEU A 83 -5.87 10.68 7.92
N ASP A 84 -6.25 11.58 7.02
CA ASP A 84 -7.34 12.53 7.31
C ASP A 84 -8.67 11.79 7.49
N LYS A 85 -8.79 10.58 6.97
CA LYS A 85 -9.96 9.72 7.20
C LYS A 85 -10.07 9.09 8.59
N LEU A 86 -8.97 9.14 9.35
CA LEU A 86 -8.82 8.29 10.48
C LEU A 86 -9.27 8.87 11.85
N ASP A 87 -9.78 10.09 11.84
CA ASP A 87 -10.20 10.73 13.10
C ASP A 87 -9.10 10.59 14.14
N LEU A 88 -7.89 10.99 13.77
CA LEU A 88 -6.75 10.98 14.70
C LEU A 88 -6.72 12.19 15.59
N LYS A 89 -6.62 11.96 16.90
CA LYS A 89 -6.56 13.02 17.91
C LYS A 89 -5.23 12.91 18.64
N PRO A 90 -4.73 14.05 19.18
CA PRO A 90 -3.39 14.03 19.79
C PRO A 90 -3.32 13.02 20.94
N GLY A 91 -2.25 12.25 20.99
CA GLY A 91 -2.10 11.24 22.05
C GLY A 91 -2.69 9.86 21.75
N MET A 92 -3.36 9.69 20.60
CA MET A 92 -3.77 8.32 20.15
C MET A 92 -2.53 7.60 19.70
N THR A 93 -2.61 6.29 19.63
CA THR A 93 -1.58 5.49 18.96
C THR A 93 -2.08 5.02 17.58
N LEU A 94 -1.35 5.38 16.52
CA LEU A 94 -1.66 4.88 15.19
C LEU A 94 -0.75 3.70 14.82
N LEU A 95 -1.34 2.66 14.19
CA LEU A 95 -0.63 1.48 13.67
C LEU A 95 -0.52 1.56 12.15
N ASP A 96 0.70 1.42 11.62
CA ASP A 96 0.92 1.34 10.18
C ASP A 96 1.26 -0.06 9.88
N ILE A 97 0.36 -0.81 9.25
CA ILE A 97 0.65 -2.17 8.86
C ILE A 97 1.35 -2.16 7.46
N GLY A 98 2.65 -2.50 7.42
CA GLY A 98 3.45 -2.45 6.20
C GLY A 98 4.00 -1.04 6.06
N CYS A 99 4.85 -0.64 6.98
CA CYS A 99 5.15 0.77 7.11
C CYS A 99 6.23 1.31 6.14
N GLY A 100 6.78 0.44 5.31
CA GLY A 100 8.01 0.72 4.48
C GLY A 100 9.10 1.56 5.15
N TRP A 101 9.36 2.74 4.57
CA TRP A 101 10.50 3.58 4.91
C TRP A 101 10.06 4.59 5.92
N GLY A 102 8.77 4.52 6.32
CA GLY A 102 8.36 5.23 7.52
C GLY A 102 7.78 6.60 7.29
N THR A 103 7.53 6.96 6.05
CA THR A 103 7.06 8.29 5.71
C THR A 103 5.68 8.56 6.29
N THR A 104 4.77 7.60 6.12
CA THR A 104 3.47 7.74 6.77
C THR A 104 3.55 7.99 8.25
N MET A 105 4.35 7.22 8.97
CA MET A 105 4.40 7.38 10.43
C MET A 105 4.92 8.76 10.87
N ARG A 106 5.97 9.22 10.21
CA ARG A 106 6.50 10.58 10.47
C ARG A 106 5.42 11.61 10.25
N ARG A 107 4.76 11.57 9.09
CA ARG A 107 3.77 12.56 8.78
C ARG A 107 2.67 12.52 9.81
N ALA A 108 2.35 11.32 10.32
CA ALA A 108 1.33 11.22 11.33
C ALA A 108 1.78 11.85 12.64
N VAL A 109 2.97 11.50 13.11
CA VAL A 109 3.33 12.07 14.39
C VAL A 109 3.40 13.60 14.27
N GLU A 110 3.94 14.09 13.14
CA GLU A 110 4.09 15.56 12.91
C GLU A 110 2.80 16.33 12.79
N ARG A 111 1.85 15.75 12.05
CA ARG A 111 0.59 16.42 11.74
C ARG A 111 -0.43 16.26 12.84
N PHE A 112 -0.42 15.12 13.54
CA PHE A 112 -1.51 14.76 14.49
C PHE A 112 -1.03 14.58 15.91
N ASP A 113 0.28 14.67 16.11
CA ASP A 113 0.83 14.59 17.46
C ASP A 113 0.29 13.29 18.07
N VAL A 114 0.46 12.19 17.32
CA VAL A 114 0.15 10.84 17.79
C VAL A 114 1.39 9.95 18.01
N ASN A 115 1.26 8.99 18.91
CA ASN A 115 2.18 7.87 19.00
C ASN A 115 1.98 6.97 17.80
N VAL A 116 3.04 6.30 17.37
CA VAL A 116 3.04 5.41 16.21
C VAL A 116 3.73 4.08 16.46
N ILE A 117 3.30 3.07 15.72
CA ILE A 117 3.89 1.75 15.72
C ILE A 117 3.73 1.31 14.28
N GLY A 118 4.80 0.73 13.71
CA GLY A 118 4.86 0.31 12.34
C GLY A 118 5.28 -1.12 12.28
N LEU A 119 4.76 -1.85 11.29
CA LEU A 119 5.09 -3.23 11.16
C LEU A 119 5.69 -3.35 9.82
N THR A 120 6.85 -3.97 9.78
CA THR A 120 7.50 -4.22 8.51
C THR A 120 8.18 -5.54 8.58
N LEU A 121 8.26 -6.21 7.44
CA LEU A 121 8.97 -7.46 7.28
C LEU A 121 10.48 -7.32 6.86
N SER A 122 10.92 -6.07 6.59
CA SER A 122 12.25 -5.72 6.07
C SER A 122 13.21 -5.17 7.15
N LYS A 123 14.38 -5.81 7.27
CA LYS A 123 15.37 -5.41 8.28
C LYS A 123 15.85 -3.98 7.97
N ASN A 124 16.12 -3.71 6.72
CA ASN A 124 16.57 -2.37 6.35
C ASN A 124 15.54 -1.23 6.66
N GLN A 125 14.27 -1.49 6.28
CA GLN A 125 13.12 -0.61 6.55
C GLN A 125 12.98 -0.33 8.03
N HIS A 126 13.33 -1.32 8.83
CA HIS A 126 13.17 -1.22 10.25
C HIS A 126 14.20 -0.22 10.80
N ALA A 127 15.47 -0.45 10.48
CA ALA A 127 16.56 0.46 10.89
C ALA A 127 16.31 1.92 10.42
N ARG A 128 16.02 2.05 9.12
CA ARG A 128 15.60 3.33 8.57
C ARG A 128 14.48 4.03 9.35
N CYS A 129 13.42 3.26 9.68
CA CYS A 129 12.26 3.77 10.36
C CYS A 129 12.65 4.29 11.72
N GLU A 130 13.47 3.55 12.47
CA GLU A 130 13.86 4.01 13.82
C GLU A 130 14.63 5.35 13.73
N GLN A 131 15.44 5.45 12.70
CA GLN A 131 16.25 6.65 12.49
C GLN A 131 15.35 7.85 12.19
N VAL A 132 14.39 7.63 11.28
CA VAL A 132 13.39 8.60 10.88
C VAL A 132 12.56 9.09 12.02
N LEU A 133 12.14 8.16 12.88
CA LEU A 133 11.24 8.45 13.96
C LEU A 133 11.98 9.14 15.09
N ALA A 134 13.20 8.65 15.32
CA ALA A 134 14.11 9.14 16.35
C ALA A 134 14.44 10.61 16.18
N SER A 135 14.33 11.11 14.93
CA SER A 135 14.68 12.52 14.63
C SER A 135 13.56 13.52 14.92
N ILE A 136 12.35 13.03 15.15
CA ILE A 136 11.22 13.92 15.28
C ILE A 136 11.22 14.67 16.61
N ASP A 137 10.86 15.95 16.57
CA ASP A 137 10.82 16.72 17.80
C ASP A 137 9.48 16.57 18.51
N THR A 138 9.38 15.51 19.33
CA THR A 138 8.14 15.09 19.92
C THR A 138 8.40 14.28 21.20
N ASN A 139 7.52 14.44 22.17
CA ASN A 139 7.47 13.55 23.32
C ASN A 139 6.68 12.24 23.08
N ARG A 140 6.02 12.14 21.91
CA ARG A 140 5.22 10.96 21.50
C ARG A 140 6.05 9.71 21.35
N SER A 141 5.47 8.61 21.81
CA SER A 141 6.06 7.30 21.66
C SER A 141 6.13 6.87 20.17
N ARG A 142 7.19 6.18 19.79
CA ARG A 142 7.38 5.82 18.39
C ARG A 142 8.09 4.53 18.36
N GLN A 143 7.65 3.62 17.54
CA GLN A 143 8.10 2.26 17.66
C GLN A 143 7.89 1.58 16.35
N VAL A 144 8.85 0.75 15.97
CA VAL A 144 8.74 -0.03 14.74
C VAL A 144 9.20 -1.45 15.02
N LEU A 145 8.44 -2.41 14.51
CA LEU A 145 8.68 -3.85 14.79
C LEU A 145 8.93 -4.60 13.50
N LEU A 146 9.87 -5.55 13.54
CA LEU A 146 10.14 -6.41 12.43
C LEU A 146 9.29 -7.62 12.59
N GLN A 147 8.10 -7.60 11.95
CA GLN A 147 7.09 -8.68 12.01
C GLN A 147 5.82 -8.31 11.26
N GLY A 148 5.04 -9.34 10.91
CA GLY A 148 3.66 -9.19 10.38
C GLY A 148 2.55 -8.85 11.41
N TRP A 149 1.41 -8.44 10.86
CA TRP A 149 0.25 -8.15 11.67
C TRP A 149 -0.17 -9.43 12.41
N GLU A 150 0.09 -10.59 11.80
CA GLU A 150 -0.35 -11.90 12.38
C GLU A 150 0.23 -12.02 13.79
N ASP A 151 1.42 -11.47 13.98
CA ASP A 151 2.10 -11.52 15.26
C ASP A 151 1.85 -10.28 16.11
N PHE A 152 1.00 -9.36 15.66
CA PHE A 152 0.78 -8.14 16.45
C PHE A 152 -0.60 -8.15 17.08
N ALA A 153 -0.68 -7.84 18.35
CA ALA A 153 -1.90 -8.00 19.10
C ALA A 153 -1.89 -7.03 20.21
N GLU A 154 -1.47 -5.81 19.94
CA GLU A 154 -1.49 -4.85 21.01
C GLU A 154 -2.55 -3.87 20.62
N PRO A 155 -3.24 -3.29 21.60
CA PRO A 155 -4.23 -2.20 21.51
C PRO A 155 -3.73 -0.89 20.85
N VAL A 156 -4.40 -0.50 19.77
CA VAL A 156 -4.03 0.78 19.07
C VAL A 156 -5.34 1.49 18.83
N ASP A 157 -5.28 2.77 18.51
CA ASP A 157 -6.52 3.52 18.30
C ASP A 157 -7.03 3.46 16.88
N ARG A 158 -6.09 3.51 15.91
CA ARG A 158 -6.42 3.71 14.49
C ARG A 158 -5.38 2.94 13.71
N ILE A 159 -5.72 2.55 12.49
CA ILE A 159 -4.86 1.71 11.66
C ILE A 159 -4.83 2.22 10.23
N VAL A 160 -3.65 2.33 9.63
CA VAL A 160 -3.47 2.62 8.22
C VAL A 160 -2.69 1.49 7.58
N SER A 161 -3.06 1.09 6.38
CA SER A 161 -2.29 0.12 5.68
C SER A 161 -2.34 0.47 4.22
N ILE A 162 -1.21 0.92 3.66
CA ILE A 162 -1.19 1.39 2.27
C ILE A 162 -0.37 0.38 1.45
N GLU A 163 -1.08 -0.41 0.66
CA GLU A 163 -0.54 -1.37 -0.30
C GLU A 163 0.37 -2.43 0.31
N ALA A 164 0.02 -2.88 1.53
CA ALA A 164 0.61 -4.12 2.06
C ALA A 164 -0.35 -5.28 1.75
N PHE A 165 -1.63 -4.93 1.58
CA PHE A 165 -2.75 -5.91 1.59
C PHE A 165 -2.56 -7.00 0.52
N GLU A 166 -2.09 -6.58 -0.64
CA GLU A 166 -1.98 -7.51 -1.74
C GLU A 166 -0.87 -8.58 -1.49
N HIS A 167 -0.10 -8.42 -0.40
CA HIS A 167 0.89 -9.43 0.04
C HIS A 167 0.29 -10.52 0.90
N PHE A 168 -0.91 -10.29 1.44
CA PHE A 168 -1.46 -11.12 2.50
C PHE A 168 -1.98 -12.50 2.03
N GLY A 169 -2.65 -12.57 0.89
CA GLY A 169 -3.31 -13.81 0.48
C GLY A 169 -4.76 -13.92 0.96
N HIS A 170 -5.63 -14.30 0.04
CA HIS A 170 -7.06 -14.42 0.29
C HIS A 170 -7.40 -15.19 1.58
N GLU A 171 -6.61 -16.26 1.82
CA GLU A 171 -6.84 -17.23 2.87
C GLU A 171 -6.72 -16.58 4.25
N ASN A 172 -6.08 -15.41 4.26
CA ASN A 172 -5.77 -14.72 5.52
C ASN A 172 -6.69 -13.52 5.80
N TYR A 173 -7.63 -13.24 4.91
CA TYR A 173 -8.42 -12.02 5.07
C TYR A 173 -9.34 -11.99 6.32
N ASP A 174 -10.00 -13.11 6.64
CA ASP A 174 -10.87 -13.13 7.83
C ASP A 174 -10.10 -12.79 9.09
N ASP A 175 -8.99 -13.48 9.29
CA ASP A 175 -8.11 -13.23 10.40
C ASP A 175 -7.55 -11.79 10.39
N PHE A 176 -7.27 -11.21 9.23
CA PHE A 176 -6.77 -9.82 9.20
C PHE A 176 -7.83 -8.83 9.74
N PHE A 177 -9.03 -8.81 9.18
CA PHE A 177 -10.03 -7.84 9.61
C PHE A 177 -10.49 -8.11 11.05
N LYS A 178 -10.59 -9.38 11.42
CA LYS A 178 -10.84 -9.69 12.82
C LYS A 178 -9.74 -9.13 13.77
N ARG A 179 -8.46 -9.31 13.40
CA ARG A 179 -7.38 -8.84 14.26
C ARG A 179 -7.56 -7.34 14.35
N CYS A 180 -7.88 -6.70 13.23
CA CYS A 180 -7.86 -5.22 13.21
C CYS A 180 -9.01 -4.73 14.04
N PHE A 181 -10.17 -5.34 13.88
CA PHE A 181 -11.37 -4.96 14.67
C PHE A 181 -11.06 -5.12 16.14
N ASN A 182 -10.45 -6.24 16.48
CA ASN A 182 -10.26 -6.56 17.91
C ASN A 182 -9.25 -5.70 18.69
N ILE A 183 -8.27 -5.14 18.01
CA ILE A 183 -7.19 -4.40 18.70
C ILE A 183 -7.55 -2.94 18.88
N MET A 184 -8.61 -2.52 18.22
CA MET A 184 -9.06 -1.13 18.26
C MET A 184 -10.13 -0.85 19.30
N PRO A 185 -10.23 0.42 19.76
CA PRO A 185 -11.26 0.78 20.75
C PRO A 185 -12.61 0.85 20.06
N ALA A 186 -13.63 1.28 20.78
CA ALA A 186 -14.99 1.32 20.22
C ALA A 186 -15.16 2.27 19.04
N ASP A 187 -14.33 3.30 18.99
CA ASP A 187 -14.43 4.34 17.95
C ASP A 187 -13.35 4.19 16.87
N GLY A 188 -12.78 3.00 16.77
CA GLY A 188 -11.63 2.75 15.91
C GLY A 188 -11.99 2.91 14.45
N ARG A 189 -10.98 3.27 13.63
CA ARG A 189 -11.11 3.35 12.17
C ARG A 189 -9.85 2.85 11.55
N MET A 190 -9.99 2.29 10.35
CA MET A 190 -8.85 1.80 9.61
C MET A 190 -9.05 2.16 8.15
N THR A 191 -7.98 2.54 7.46
CA THR A 191 -8.00 2.54 5.98
C THR A 191 -7.10 1.45 5.45
N VAL A 192 -7.47 0.89 4.32
CA VAL A 192 -6.64 -0.03 3.60
C VAL A 192 -6.68 0.43 2.19
N GLN A 193 -5.50 0.77 1.64
CA GLN A 193 -5.36 1.11 0.22
C GLN A 193 -4.75 -0.11 -0.48
N SER A 194 -5.35 -0.54 -1.58
CA SER A 194 -4.82 -1.74 -2.22
C SER A 194 -5.12 -1.73 -3.71
N SER A 195 -4.17 -2.16 -4.53
CA SER A 195 -4.52 -2.50 -5.91
C SER A 195 -5.51 -3.69 -5.90
N VAL A 196 -6.32 -3.73 -6.94
CA VAL A 196 -7.47 -4.58 -6.94
C VAL A 196 -7.66 -5.12 -8.38
N SER A 197 -8.14 -6.34 -8.49
CA SER A 197 -8.53 -6.89 -9.78
C SER A 197 -10.02 -7.14 -9.70
N TYR A 198 -10.56 -7.76 -10.74
CA TYR A 198 -11.99 -8.05 -10.72
C TYR A 198 -12.22 -9.56 -10.68
N HIS A 199 -13.40 -9.98 -10.25
CA HIS A 199 -13.70 -11.40 -10.27
C HIS A 199 -13.68 -11.88 -11.71
N PRO A 200 -13.17 -13.10 -11.95
CA PRO A 200 -13.14 -13.69 -13.31
C PRO A 200 -14.48 -13.55 -14.04
N TYR A 201 -15.60 -13.58 -13.29
CA TYR A 201 -16.92 -13.29 -13.84
C TYR A 201 -17.02 -11.87 -14.42
N GLU A 202 -16.65 -10.85 -13.64
CA GLU A 202 -16.69 -9.45 -14.11
C GLU A 202 -15.81 -9.18 -15.36
N MET A 203 -14.67 -9.87 -15.43
CA MET A 203 -13.66 -9.69 -16.49
C MET A 203 -14.12 -10.26 -17.84
N ALA A 204 -14.94 -11.31 -17.79
CA ALA A 204 -15.52 -11.92 -19.01
C ALA A 204 -16.42 -10.93 -19.76
N ALA A 205 -17.13 -10.08 -19.00
CA ALA A 205 -18.02 -9.05 -19.58
C ALA A 205 -17.27 -8.12 -20.54
N ARG A 206 -15.97 -7.94 -20.25
CA ARG A 206 -15.07 -7.08 -21.03
C ARG A 206 -14.48 -7.80 -22.26
N GLY A 207 -14.86 -9.06 -22.44
CA GLY A 207 -14.36 -9.86 -23.54
C GLY A 207 -13.29 -10.85 -23.10
N LYS A 208 -13.38 -12.04 -23.65
CA LYS A 208 -12.54 -13.16 -23.28
C LYS A 208 -11.08 -12.86 -23.61
N LYS A 209 -10.81 -12.28 -24.78
CA LYS A 209 -9.43 -12.03 -25.19
C LYS A 209 -8.76 -11.22 -24.10
N LEU A 210 -9.45 -10.17 -23.65
CA LEU A 210 -8.85 -9.24 -22.69
C LEU A 210 -8.80 -9.86 -21.31
N SER A 211 -9.81 -10.63 -20.99
CA SER A 211 -9.88 -11.30 -19.70
C SER A 211 -8.77 -12.32 -19.43
N PHE A 212 -8.42 -13.17 -20.42
CA PHE A 212 -7.29 -14.13 -20.29
C PHE A 212 -5.94 -13.38 -20.29
N GLU A 213 -5.81 -12.37 -21.13
CA GLU A 213 -4.60 -11.58 -21.18
C GLU A 213 -4.33 -10.90 -19.80
N THR A 214 -5.36 -10.30 -19.22
CA THR A 214 -5.26 -9.64 -17.90
C THR A 214 -4.89 -10.66 -16.80
N ALA A 215 -5.57 -11.82 -16.82
CA ALA A 215 -5.28 -12.90 -15.89
C ALA A 215 -3.82 -13.32 -15.93
N ARG A 216 -3.25 -13.50 -17.11
CA ARG A 216 -1.84 -13.80 -17.24
C ARG A 216 -0.94 -12.67 -16.70
N PHE A 217 -1.29 -11.42 -16.98
CA PHE A 217 -0.47 -10.32 -16.46
C PHE A 217 -0.50 -10.34 -14.91
N ILE A 218 -1.67 -10.56 -14.35
CA ILE A 218 -1.82 -10.59 -12.91
C ILE A 218 -0.98 -11.73 -12.29
N LYS A 219 -0.99 -12.90 -12.93
CA LYS A 219 -0.13 -14.00 -12.50
C LYS A 219 1.33 -13.57 -12.50
N PHE A 220 1.73 -12.83 -13.54
CA PHE A 220 3.08 -12.32 -13.64
C PHE A 220 3.43 -11.46 -12.39
N ILE A 221 2.58 -10.49 -12.08
CA ILE A 221 2.81 -9.55 -10.95
C ILE A 221 3.08 -10.37 -9.68
N VAL A 222 2.11 -11.20 -9.41
CA VAL A 222 2.02 -12.01 -8.24
C VAL A 222 3.05 -13.13 -8.14
N THR A 223 3.83 -13.33 -9.19
CA THR A 223 4.87 -14.38 -9.26
C THR A 223 6.28 -13.79 -9.19
N GLU A 224 6.52 -12.73 -9.97
CA GLU A 224 7.87 -12.18 -10.19
C GLU A 224 8.09 -10.81 -9.51
N ILE A 225 7.00 -10.07 -9.30
CA ILE A 225 7.09 -8.74 -8.73
C ILE A 225 6.86 -8.81 -7.20
N PHE A 226 5.78 -9.47 -6.80
CA PHE A 226 5.40 -9.71 -5.39
C PHE A 226 5.11 -11.18 -5.22
N PRO A 227 6.16 -12.00 -5.13
CA PRO A 227 5.99 -13.44 -5.08
C PRO A 227 5.04 -13.82 -3.95
N GLY A 228 4.18 -14.78 -4.18
CA GLY A 228 3.21 -15.15 -3.14
C GLY A 228 2.06 -14.19 -2.93
N GLY A 229 2.08 -13.04 -3.60
CA GLY A 229 0.99 -12.04 -3.46
C GLY A 229 -0.36 -12.53 -3.96
N ARG A 230 -1.41 -11.74 -3.76
CA ARG A 230 -2.65 -11.96 -4.48
C ARG A 230 -3.45 -10.70 -4.48
N LEU A 231 -3.89 -10.27 -5.66
CA LEU A 231 -4.78 -9.14 -5.77
C LEU A 231 -6.17 -9.56 -5.29
N PRO A 232 -6.72 -8.80 -4.33
CA PRO A 232 -8.13 -8.94 -3.96
C PRO A 232 -8.95 -8.17 -4.99
N SER A 233 -10.26 -8.38 -4.93
CA SER A 233 -11.12 -7.43 -5.58
C SER A 233 -11.64 -6.46 -4.50
N THR A 234 -12.16 -5.34 -4.96
CA THR A 234 -12.77 -4.38 -4.07
C THR A 234 -13.87 -5.05 -3.25
N GLU A 235 -14.68 -5.88 -3.91
CA GLU A 235 -15.79 -6.52 -3.22
C GLU A 235 -15.29 -7.40 -2.05
N MET A 236 -14.19 -8.12 -2.24
CA MET A 236 -13.58 -8.86 -1.14
C MET A 236 -13.13 -7.92 0.01
N MET A 237 -12.52 -6.78 -0.34
CA MET A 237 -12.03 -5.86 0.70
C MET A 237 -13.22 -5.42 1.55
N VAL A 238 -14.35 -5.14 0.88
CA VAL A 238 -15.53 -4.63 1.53
C VAL A 238 -16.22 -5.68 2.40
N GLU A 239 -16.49 -6.84 1.79
CA GLU A 239 -17.24 -7.88 2.48
C GLU A 239 -16.50 -8.51 3.63
N HIS A 240 -15.21 -8.71 3.50
CA HIS A 240 -14.44 -9.23 4.65
C HIS A 240 -14.48 -8.23 5.81
N GLY A 241 -14.31 -6.94 5.48
CA GLY A 241 -14.43 -5.90 6.48
C GLY A 241 -15.78 -5.99 7.18
N GLU A 242 -16.83 -6.11 6.39
CA GLU A 242 -18.18 -6.19 6.93
C GLU A 242 -18.42 -7.42 7.77
N LYS A 243 -17.86 -8.56 7.35
CA LYS A 243 -18.07 -9.79 8.12
C LYS A 243 -17.42 -9.64 9.50
N ALA A 244 -16.39 -8.77 9.61
CA ALA A 244 -15.70 -8.61 10.87
C ALA A 244 -16.43 -7.69 11.79
N GLY A 245 -17.39 -6.92 11.30
CA GLY A 245 -18.23 -6.04 12.12
C GLY A 245 -18.15 -4.58 11.69
N PHE A 246 -17.31 -4.26 10.68
CA PHE A 246 -17.03 -2.87 10.30
C PHE A 246 -18.16 -2.27 9.44
N THR A 247 -18.38 -1.00 9.58
CA THR A 247 -19.16 -0.24 8.60
C THR A 247 -18.24 0.18 7.47
N VAL A 248 -18.65 -0.01 6.21
CA VAL A 248 -17.75 0.31 5.07
C VAL A 248 -18.44 1.25 4.07
N PRO A 249 -18.09 2.54 4.08
CA PRO A 249 -18.66 3.42 3.06
C PRO A 249 -18.16 2.98 1.66
N GLU A 250 -18.58 3.69 0.61
CA GLU A 250 -18.16 3.36 -0.74
C GLU A 250 -16.70 3.67 -0.91
N PRO A 251 -15.92 2.67 -1.38
CA PRO A 251 -14.49 2.80 -1.46
C PRO A 251 -14.13 3.89 -2.47
N LEU A 252 -12.99 4.55 -2.28
CA LEU A 252 -12.54 5.54 -3.22
C LEU A 252 -11.60 4.90 -4.25
N SER A 253 -11.93 5.04 -5.53
CA SER A 253 -11.07 4.61 -6.63
C SER A 253 -9.94 5.62 -6.87
N LEU A 254 -8.72 5.10 -6.98
CA LEU A 254 -7.54 5.93 -7.20
C LEU A 254 -6.92 5.71 -8.59
N ARG A 255 -7.60 4.91 -9.42
CA ARG A 255 -7.18 4.54 -10.75
C ARG A 255 -6.47 5.61 -11.56
N PRO A 256 -7.05 6.82 -11.77
CA PRO A 256 -6.26 7.75 -12.61
C PRO A 256 -4.94 8.20 -11.97
N HIS A 257 -4.89 8.19 -10.64
CA HIS A 257 -3.69 8.58 -9.99
C HIS A 257 -2.62 7.52 -10.11
N TYR A 258 -3.00 6.26 -10.22
CA TYR A 258 -2.03 5.21 -10.33
C TYR A 258 -1.54 5.22 -11.77
N ILE A 259 -2.43 5.56 -12.70
CA ILE A 259 -1.98 5.81 -14.11
C ILE A 259 -0.79 6.79 -14.15
N LYS A 260 -0.98 8.00 -13.60
CA LYS A 260 0.09 9.01 -13.51
C LYS A 260 1.32 8.52 -12.75
N THR A 261 1.12 7.76 -11.66
CA THR A 261 2.22 7.30 -10.83
C THR A 261 3.08 6.33 -11.63
N LEU A 262 2.40 5.42 -12.30
CA LEU A 262 3.07 4.39 -13.07
C LEU A 262 3.81 4.96 -14.32
N ARG A 263 3.28 6.04 -14.87
CA ARG A 263 3.91 6.76 -15.98
C ARG A 263 5.27 7.30 -15.55
N ILE A 264 5.28 7.99 -14.41
CA ILE A 264 6.47 8.61 -13.84
C ILE A 264 7.41 7.51 -13.35
N TRP A 265 6.91 6.50 -12.64
CA TRP A 265 7.79 5.39 -12.30
C TRP A 265 8.47 4.76 -13.53
N GLY A 266 7.68 4.40 -14.54
CA GLY A 266 8.20 3.86 -15.79
C GLY A 266 9.21 4.77 -16.48
N ASP A 267 8.84 6.04 -16.69
CA ASP A 267 9.74 7.00 -17.33
C ASP A 267 11.06 7.15 -16.56
N THR A 268 10.97 7.20 -15.23
CA THR A 268 12.17 7.34 -14.42
C THR A 268 13.11 6.13 -14.52
N LEU A 269 12.58 4.91 -14.36
CA LEU A 269 13.41 3.71 -14.55
C LEU A 269 14.09 3.73 -15.95
N GLN A 270 13.30 4.04 -16.98
CA GLN A 270 13.74 4.11 -18.38
C GLN A 270 14.97 5.04 -18.52
N SER A 271 14.80 6.30 -18.09
CA SER A 271 15.91 7.25 -18.08
C SER A 271 17.11 6.78 -17.25
N ASN A 272 16.90 5.88 -16.30
CA ASN A 272 18.02 5.30 -15.52
C ASN A 272 18.38 3.87 -15.96
N LYS A 273 18.03 3.51 -17.20
CA LYS A 273 18.24 2.15 -17.71
C LYS A 273 19.60 1.56 -17.29
N ASP A 274 20.68 2.25 -17.64
CA ASP A 274 22.02 1.70 -17.43
C ASP A 274 22.49 1.55 -15.98
N LYS A 275 22.32 2.59 -15.16
CA LYS A 275 22.55 2.41 -13.70
C LYS A 275 21.74 1.19 -13.15
N ALA A 276 20.46 1.10 -13.53
CA ALA A 276 19.57 -0.03 -13.13
C ALA A 276 20.19 -1.40 -13.42
N ILE A 277 20.69 -1.55 -14.64
CA ILE A 277 21.27 -2.79 -15.11
C ILE A 277 22.55 -3.07 -14.32
N GLU A 278 23.34 -2.03 -14.12
CA GLU A 278 24.55 -2.12 -13.33
C GLU A 278 24.34 -2.63 -11.91
N VAL A 279 23.27 -2.14 -11.26
CA VAL A 279 22.93 -2.52 -9.90
C VAL A 279 22.25 -3.90 -9.86
N THR A 280 21.58 -4.29 -10.95
CA THR A 280 20.92 -5.59 -10.98
C THR A 280 21.32 -6.45 -12.20
N SER A 281 20.39 -6.62 -13.14
CA SER A 281 20.63 -7.31 -14.41
C SER A 281 19.73 -6.62 -15.41
N GLU A 282 19.94 -6.92 -16.68
CA GLU A 282 19.00 -6.51 -17.74
C GLU A 282 17.66 -7.23 -17.54
N GLU A 283 17.73 -8.44 -17.01
CA GLU A 283 16.56 -9.22 -16.64
C GLU A 283 15.64 -8.42 -15.69
N VAL A 284 16.15 -8.18 -14.47
CA VAL A 284 15.52 -7.34 -13.45
C VAL A 284 14.98 -6.02 -14.01
N TYR A 285 15.78 -5.33 -14.80
CA TYR A 285 15.31 -4.10 -15.44
C TYR A 285 14.07 -4.31 -16.34
N ASN A 286 14.13 -5.28 -17.24
CA ASN A 286 13.01 -5.48 -18.17
C ASN A 286 11.78 -5.99 -17.41
N ARG A 287 12.03 -6.78 -16.37
CA ARG A 287 10.97 -7.23 -15.46
C ARG A 287 10.14 -6.07 -14.86
N TYR A 288 10.84 -5.02 -14.46
CA TYR A 288 10.18 -3.86 -13.84
C TYR A 288 9.60 -2.93 -14.87
N MET A 289 10.26 -2.75 -16.02
CA MET A 289 9.64 -2.01 -17.11
C MET A 289 8.32 -2.63 -17.55
N LYS A 290 8.25 -3.94 -17.57
CA LYS A 290 7.03 -4.60 -17.98
C LYS A 290 5.93 -4.45 -16.89
N TYR A 291 6.35 -4.55 -15.63
CA TYR A 291 5.45 -4.30 -14.51
C TYR A 291 4.83 -2.90 -14.63
N LEU A 292 5.67 -1.88 -14.69
CA LEU A 292 5.22 -0.49 -14.66
C LEU A 292 4.38 -0.13 -15.88
N ARG A 293 4.92 -0.41 -17.08
CA ARG A 293 4.15 -0.19 -18.32
C ARG A 293 2.90 -1.07 -18.38
N GLY A 294 3.02 -2.35 -17.99
CA GLY A 294 1.84 -3.26 -17.97
C GLY A 294 0.68 -2.81 -17.07
N CYS A 295 0.98 -2.54 -15.80
CA CYS A 295 -0.02 -1.98 -14.87
C CYS A 295 -0.65 -0.70 -15.42
N GLU A 296 0.19 0.21 -15.94
CA GLU A 296 -0.31 1.48 -16.45
C GLU A 296 -1.33 1.21 -17.57
N HIS A 297 -0.95 0.32 -18.48
CA HIS A 297 -1.81 -0.12 -19.53
C HIS A 297 -3.13 -0.72 -19.01
N TYR A 298 -3.06 -1.71 -18.11
CA TYR A 298 -4.29 -2.34 -17.66
C TYR A 298 -5.16 -1.43 -16.78
N PHE A 299 -4.55 -0.48 -16.08
CA PHE A 299 -5.31 0.53 -15.38
C PHE A 299 -6.05 1.43 -16.36
N THR A 300 -5.34 1.83 -17.43
CA THR A 300 -5.92 2.64 -18.52
C THR A 300 -7.11 1.92 -19.18
N ASP A 301 -6.96 0.62 -19.34
CA ASP A 301 -8.00 -0.23 -19.86
C ASP A 301 -9.09 -0.64 -18.87
N GLU A 302 -9.05 -0.04 -17.68
CA GLU A 302 -10.00 -0.39 -16.64
C GLU A 302 -10.01 -1.89 -16.37
N MET A 303 -8.85 -2.52 -16.47
CA MET A 303 -8.79 -3.93 -16.10
C MET A 303 -8.24 -4.10 -14.67
N LEU A 304 -7.60 -3.06 -14.12
CA LEU A 304 -7.14 -3.04 -12.73
C LEU A 304 -7.75 -1.82 -12.07
N ASP A 305 -7.81 -1.81 -10.74
CA ASP A 305 -8.25 -0.62 -10.02
C ASP A 305 -7.37 -0.51 -8.78
N CYS A 306 -7.60 0.53 -7.98
CA CYS A 306 -6.95 0.69 -6.71
C CYS A 306 -7.96 1.38 -5.82
N SER A 307 -8.27 0.73 -4.73
CA SER A 307 -9.30 1.22 -3.81
C SER A 307 -8.72 1.64 -2.46
N LEU A 308 -9.18 2.76 -1.96
CA LEU A 308 -8.88 3.17 -0.64
C LEU A 308 -10.17 2.93 0.09
N VAL A 309 -10.18 1.85 0.90
CA VAL A 309 -11.35 1.47 1.66
C VAL A 309 -11.25 1.91 3.15
N THR A 310 -12.34 2.43 3.69
CA THR A 310 -12.42 2.87 5.08
C THR A 310 -13.33 1.89 5.85
N TYR A 311 -12.90 1.53 7.06
CA TYR A 311 -13.58 0.57 7.92
C TYR A 311 -13.82 1.28 9.21
N LEU A 312 -15.08 1.37 9.61
CA LEU A 312 -15.43 2.13 10.76
C LEU A 312 -16.06 1.16 11.73
N LYS A 313 -15.62 1.20 12.98
CA LYS A 313 -16.21 0.33 14.02
C LYS A 313 -17.56 0.94 14.41
N PRO A 314 -18.51 0.17 14.99
CA PRO A 314 -19.86 0.68 15.31
C PRO A 314 -19.88 1.95 16.13
N GLY A 315 -18.88 2.11 17.00
CA GLY A 315 -18.75 3.30 17.82
C GLY A 315 -17.94 4.41 17.20
N ALA A 316 -17.40 4.21 15.98
CA ALA A 316 -16.67 5.34 15.31
C ALA A 316 -17.46 6.66 15.40
N ALA A 317 -16.74 7.78 15.58
CA ALA A 317 -17.30 9.13 15.53
C ALA A 317 -17.94 9.44 14.18
N ALA A 318 -19.05 10.19 14.23
CA ALA A 318 -19.78 10.50 13.02
C ALA A 318 -19.14 11.68 12.27
#